data_4UXL
#
_entry.id   4UXL
#
_cell.length_a   105.844
_cell.length_b   105.844
_cell.length_c   49.843
_cell.angle_alpha   90.00
_cell.angle_beta   90.00
_cell.angle_gamma   120.00
#
_symmetry.space_group_name_H-M   'P 64'
#
loop_
_entity.id
_entity.type
_entity.pdbx_description
1 polymer 'PROTO-ONCOGENE TYROSINE-PROTEIN KINASE ROS'
2 non-polymer (10R)-7-amino-12-fluoro-2,10,16-trimethyl-15-oxo-10,15,16,17-tetrahydro-2H-8,4-(metheno)pyrazolo[4,3-h][2,5,11]benzoxadiazacyclotetradecine-3-carbonitrile
3 water water
#
_entity_poly.entity_id   1
_entity_poly.type   'polypeptide(L)'
_entity_poly.pdbx_seq_one_letter_code
;MAHHHHHHDYGIPTTENLYFQGSIENLPAFPREKLTLRLLLGSGAFGEVYEGTAVDILGVGSGEIKVAVKTLKKGSTDQE
KIEFLKEAHLMSKFNHPNILKQLGVCLLNEPQYIILELMEGGDLLTYLRKARMATFYGPLLTLVDLVDLCVDISKGCVYL
ERMHFIHRDLAARNCLVSVKDYTSPRIVKIGDFGLARDIYKNDYYRKRGEGLLPVRWMAPESLMDGIFTTQSDVWSFGIL
IWEILTLGHQPYPAHSNLDVLNYVQTGGRLEPPRNCPDDLWNLMTQCWAQEPDQRPTFHRIQDQLQLFRNFFLNSIYKSR
DE
;
_entity_poly.pdbx_strand_id   A
#
loop_
_chem_comp.id
_chem_comp.type
_chem_comp.name
_chem_comp.formula
5P8 non-polymer (10R)-7-amino-12-fluoro-2,10,16-trimethyl-15-oxo-10,15,16,17-tetrahydro-2H-8,4-(metheno)pyrazolo[4,3-h][2,5,11]benzoxadiazacyclotetradecine-3-carbonitrile 'C21 H19 F N6 O2'
#
# COMPACT_ATOMS: atom_id res chain seq x y z
N ILE A 24 -22.11 -10.37 -14.21
CA ILE A 24 -22.58 -8.98 -13.98
C ILE A 24 -22.01 -8.43 -12.67
N GLU A 25 -20.98 -7.60 -12.77
CA GLU A 25 -20.30 -7.10 -11.58
C GLU A 25 -21.21 -6.23 -10.74
N ASN A 26 -21.32 -6.55 -9.45
CA ASN A 26 -22.19 -5.83 -8.52
C ASN A 26 -21.37 -5.32 -7.34
N LEU A 27 -21.51 -4.04 -7.02
CA LEU A 27 -20.92 -3.49 -5.81
C LEU A 27 -21.84 -3.81 -4.64
N PRO A 28 -21.28 -4.08 -3.44
CA PRO A 28 -22.10 -4.40 -2.29
C PRO A 28 -22.87 -3.19 -1.77
N ALA A 29 -24.14 -3.10 -2.13
CA ALA A 29 -24.97 -1.98 -1.69
C ALA A 29 -25.23 -2.11 -0.19
N PHE A 30 -25.15 -0.98 0.52
CA PHE A 30 -25.38 -0.96 1.96
C PHE A 30 -26.21 0.23 2.40
N PRO A 31 -27.21 0.01 3.26
CA PRO A 31 -28.16 1.02 3.73
C PRO A 31 -27.50 2.22 4.40
N ARG A 32 -27.56 3.36 3.73
CA ARG A 32 -26.97 4.59 4.22
C ARG A 32 -27.46 4.92 5.64
N GLU A 33 -28.61 4.35 6.01
CA GLU A 33 -29.24 4.64 7.29
C GLU A 33 -28.45 3.99 8.42
N LYS A 34 -27.88 2.82 8.13
CA LYS A 34 -27.17 2.04 9.14
C LYS A 34 -25.74 2.53 9.33
N LEU A 35 -25.44 3.70 8.75
CA LEU A 35 -24.08 4.22 8.79
C LEU A 35 -24.02 5.54 9.54
N THR A 36 -23.06 5.65 10.46
CA THR A 36 -22.91 6.86 11.24
C THR A 36 -21.48 7.38 11.18
N LEU A 37 -21.29 8.56 10.60
CA LEU A 37 -19.98 9.17 10.49
C LEU A 37 -19.57 9.91 11.77
N ARG A 38 -18.62 9.34 12.49
CA ARG A 38 -18.21 9.87 13.78
C ARG A 38 -16.94 10.71 13.68
N LEU A 39 -15.81 10.07 13.38
CA LEU A 39 -14.53 10.76 13.35
C LEU A 39 -14.08 11.12 11.94
N LEU A 40 -13.41 12.25 11.81
CA LEU A 40 -12.74 12.60 10.57
C LEU A 40 -11.30 12.11 10.61
N LEU A 41 -10.90 11.32 9.62
CA LEU A 41 -9.57 10.74 9.58
C LEU A 41 -8.62 11.54 8.70
N GLY A 42 -9.18 12.25 7.72
CA GLY A 42 -8.35 13.01 6.81
C GLY A 42 -9.09 13.34 5.53
N SER A 43 -8.40 14.01 4.61
CA SER A 43 -8.99 14.39 3.34
C SER A 43 -8.26 13.71 2.17
N GLY A 44 -8.79 12.57 1.75
CA GLY A 44 -8.17 11.83 0.66
C GLY A 44 -8.97 11.88 -0.63
N ALA A 45 -8.27 12.19 -1.73
CA ALA A 45 -8.90 12.35 -3.05
C ALA A 45 -9.66 13.67 -3.10
N PHE A 46 -10.86 13.64 -3.69
CA PHE A 46 -11.70 14.83 -3.78
C PHE A 46 -13.12 14.59 -3.28
N GLY A 47 -13.27 14.06 -2.07
CA GLY A 47 -12.12 13.68 -1.26
C GLY A 47 -12.31 14.02 0.20
N GLU A 48 -12.40 12.98 1.03
CA GLU A 48 -12.71 13.15 2.44
C GLU A 48 -12.97 11.78 3.05
N VAL A 49 -12.24 11.46 4.12
CA VAL A 49 -12.37 10.14 4.74
C VAL A 49 -12.73 10.29 6.21
N TYR A 50 -13.61 9.42 6.69
CA TYR A 50 -14.09 9.47 8.07
C TYR A 50 -14.01 8.09 8.69
N GLU A 51 -13.75 8.03 9.99
CA GLU A 51 -14.11 6.84 10.75
C GLU A 51 -15.58 6.97 11.14
N GLY A 52 -16.27 5.84 11.11
CA GLY A 52 -17.66 5.80 11.52
C GLY A 52 -18.04 4.38 11.88
N THR A 53 -19.34 4.13 12.06
CA THR A 53 -19.81 2.79 12.37
C THR A 53 -20.92 2.41 11.39
N ALA A 54 -21.04 1.12 11.12
CA ALA A 54 -22.01 0.63 10.15
C ALA A 54 -22.67 -0.63 10.68
N VAL A 55 -23.98 -0.57 10.88
CA VAL A 55 -24.69 -1.66 11.54
C VAL A 55 -24.79 -2.90 10.65
N ASP A 56 -24.31 -4.02 11.18
CA ASP A 56 -24.49 -5.31 10.53
C ASP A 56 -23.84 -5.41 9.15
N ILE A 57 -22.73 -4.72 8.96
CA ILE A 57 -21.94 -4.87 7.74
C ILE A 57 -21.46 -6.32 7.58
N LEU A 58 -21.02 -6.92 8.69
CA LEU A 58 -20.46 -8.26 8.65
C LEU A 58 -21.56 -9.33 8.70
N GLY A 59 -22.81 -8.89 8.73
CA GLY A 59 -23.92 -9.81 8.83
C GLY A 59 -24.87 -9.43 9.95
N VAL A 60 -25.86 -10.27 10.19
CA VAL A 60 -26.89 -9.97 11.19
C VAL A 60 -26.33 -9.99 12.62
N GLY A 61 -25.35 -10.85 12.84
CA GLY A 61 -24.69 -10.89 14.13
C GLY A 61 -23.43 -10.04 14.16
N SER A 62 -23.55 -8.80 13.70
CA SER A 62 -22.40 -7.92 13.54
C SER A 62 -22.32 -6.85 14.63
N GLY A 63 -23.38 -6.07 14.75
CA GLY A 63 -23.37 -4.97 15.70
C GLY A 63 -22.95 -3.66 15.05
N GLU A 64 -22.56 -2.70 15.87
CA GLU A 64 -22.12 -1.39 15.37
C GLU A 64 -20.63 -1.39 15.11
N ILE A 65 -20.18 -2.23 14.18
CA ILE A 65 -18.74 -2.39 13.94
C ILE A 65 -18.16 -1.17 13.23
N LYS A 66 -16.96 -0.78 13.64
CA LYS A 66 -16.32 0.41 13.13
C LYS A 66 -15.85 0.20 11.69
N VAL A 67 -15.91 1.27 10.90
CA VAL A 67 -15.50 1.23 9.50
C VAL A 67 -14.80 2.52 9.14
N ALA A 68 -14.16 2.56 7.98
CA ALA A 68 -13.73 3.81 7.37
C ALA A 68 -14.66 4.14 6.21
N VAL A 69 -14.80 5.42 5.91
CA VAL A 69 -15.69 5.84 4.83
C VAL A 69 -15.02 6.82 3.88
N LYS A 70 -14.90 6.43 2.63
CA LYS A 70 -14.35 7.31 1.60
C LYS A 70 -15.54 8.01 0.90
N THR A 71 -15.45 9.33 0.75
CA THR A 71 -16.57 10.11 0.25
C THR A 71 -16.22 10.81 -1.04
N LEU A 72 -17.22 10.98 -1.90
CA LEU A 72 -17.04 11.76 -3.12
C LEU A 72 -17.77 13.09 -2.93
N LYS A 73 -17.01 14.18 -2.95
CA LYS A 73 -17.56 15.50 -2.71
C LYS A 73 -18.78 15.76 -3.58
N LYS A 74 -19.69 16.60 -3.08
CA LYS A 74 -20.86 16.98 -3.86
C LYS A 74 -20.47 18.00 -4.92
N GLY A 75 -21.05 17.85 -6.11
CA GLY A 75 -20.79 18.80 -7.18
C GLY A 75 -19.48 18.60 -7.89
N SER A 76 -18.66 17.68 -7.39
CA SER A 76 -17.35 17.42 -7.98
C SER A 76 -17.47 17.01 -9.44
N THR A 77 -16.34 16.92 -10.13
CA THR A 77 -16.35 16.64 -11.56
C THR A 77 -17.05 15.33 -11.87
N ASP A 78 -17.78 15.31 -12.97
CA ASP A 78 -18.44 14.11 -13.45
C ASP A 78 -17.37 13.05 -13.73
N GLN A 79 -16.19 13.50 -14.11
CA GLN A 79 -15.08 12.61 -14.41
C GLN A 79 -14.51 12.00 -13.13
N GLU A 80 -14.45 12.80 -12.07
CA GLU A 80 -13.94 12.33 -10.78
C GLU A 80 -14.85 11.25 -10.22
N LYS A 81 -16.16 11.41 -10.42
CA LYS A 81 -17.12 10.41 -9.95
C LYS A 81 -16.83 9.07 -10.60
N ILE A 82 -16.31 9.13 -11.83
CA ILE A 82 -16.04 7.92 -12.60
C ILE A 82 -14.80 7.22 -12.03
N GLU A 83 -13.77 7.99 -11.72
CA GLU A 83 -12.59 7.46 -11.05
C GLU A 83 -12.98 6.86 -9.71
N PHE A 84 -13.89 7.53 -9.00
CA PHE A 84 -14.41 7.04 -7.73
C PHE A 84 -15.09 5.68 -7.94
N LEU A 85 -15.92 5.59 -8.97
CA LEU A 85 -16.60 4.34 -9.28
C LEU A 85 -15.61 3.26 -9.76
N LYS A 86 -14.62 3.68 -10.54
CA LYS A 86 -13.55 2.77 -10.96
C LYS A 86 -12.91 2.09 -9.75
N GLU A 87 -12.49 2.89 -8.77
CA GLU A 87 -11.91 2.35 -7.54
C GLU A 87 -12.82 1.32 -6.90
N ALA A 88 -14.09 1.69 -6.71
CA ALA A 88 -15.01 0.81 -6.01
C ALA A 88 -15.10 -0.53 -6.72
N HIS A 89 -15.06 -0.50 -8.05
CA HIS A 89 -15.15 -1.73 -8.84
C HIS A 89 -13.90 -2.59 -8.72
N LEU A 90 -12.75 -1.94 -8.72
CA LEU A 90 -11.49 -2.66 -8.57
C LEU A 90 -11.51 -3.44 -7.27
N MET A 91 -12.03 -2.81 -6.21
CA MET A 91 -11.92 -3.36 -4.87
C MET A 91 -12.94 -4.46 -4.63
N SER A 92 -14.06 -4.41 -5.34
CA SER A 92 -15.05 -5.50 -5.30
C SER A 92 -14.44 -6.75 -5.90
N LYS A 93 -13.67 -6.54 -6.97
CA LYS A 93 -13.06 -7.62 -7.72
C LYS A 93 -12.05 -8.40 -6.89
N PHE A 94 -11.38 -7.69 -5.99
CA PHE A 94 -10.26 -8.29 -5.26
C PHE A 94 -10.75 -8.95 -3.98
N ASN A 95 -10.21 -10.13 -3.71
CA ASN A 95 -10.44 -10.77 -2.44
C ASN A 95 -9.17 -11.49 -1.99
N HIS A 96 -8.47 -10.87 -1.05
CA HIS A 96 -7.18 -11.38 -0.60
C HIS A 96 -6.82 -10.74 0.72
N PRO A 97 -6.24 -11.52 1.64
CA PRO A 97 -5.98 -11.05 3.02
C PRO A 97 -5.13 -9.78 3.09
N ASN A 98 -4.36 -9.52 2.04
CA ASN A 98 -3.46 -8.37 2.04
C ASN A 98 -3.91 -7.27 1.09
N ILE A 99 -5.21 -7.29 0.78
CA ILE A 99 -5.84 -6.26 -0.02
C ILE A 99 -7.01 -5.70 0.78
N LEU A 100 -7.01 -4.38 0.98
CA LEU A 100 -8.06 -3.72 1.75
C LEU A 100 -9.45 -4.19 1.32
N LYS A 101 -10.29 -4.51 2.30
CA LYS A 101 -11.68 -4.90 2.02
C LYS A 101 -12.58 -3.68 1.82
N GLN A 102 -13.36 -3.70 0.75
CA GLN A 102 -14.48 -2.78 0.60
C GLN A 102 -15.72 -3.51 1.13
N LEU A 103 -16.30 -2.97 2.21
CA LEU A 103 -17.39 -3.66 2.90
C LEU A 103 -18.78 -3.26 2.39
N GLY A 104 -18.87 -2.08 1.77
CA GLY A 104 -20.14 -1.63 1.22
C GLY A 104 -20.04 -0.30 0.49
N VAL A 105 -21.08 0.02 -0.28
CA VAL A 105 -21.15 1.31 -0.97
C VAL A 105 -22.48 2.02 -0.75
N CYS A 106 -22.45 3.34 -0.83
CA CYS A 106 -23.66 4.15 -0.82
C CYS A 106 -23.62 5.07 -2.03
N LEU A 107 -24.22 4.61 -3.13
CA LEU A 107 -24.01 5.24 -4.42
C LEU A 107 -25.28 5.85 -5.01
N LEU A 108 -26.41 5.60 -4.37
CA LEU A 108 -27.69 6.13 -4.86
C LEU A 108 -27.88 7.58 -4.45
N ASN A 109 -27.32 7.96 -3.31
CA ASN A 109 -27.45 9.33 -2.81
C ASN A 109 -26.07 9.98 -2.71
N GLU A 110 -26.03 11.30 -2.87
CA GLU A 110 -24.79 12.05 -2.69
C GLU A 110 -24.73 12.62 -1.28
N PRO A 111 -23.53 12.66 -0.67
CA PRO A 111 -22.25 12.21 -1.23
C PRO A 111 -22.12 10.70 -1.32
N GLN A 112 -21.38 10.23 -2.31
CA GLN A 112 -21.14 8.80 -2.47
C GLN A 112 -20.29 8.34 -1.30
N TYR A 113 -20.49 7.10 -0.88
CA TYR A 113 -19.67 6.51 0.15
C TYR A 113 -19.07 5.19 -0.32
N ILE A 114 -17.76 5.05 -0.17
CA ILE A 114 -17.14 3.74 -0.21
C ILE A 114 -16.78 3.34 1.21
N ILE A 115 -17.35 2.24 1.67
CA ILE A 115 -17.17 1.81 3.06
C ILE A 115 -16.10 0.73 3.15
N LEU A 116 -14.99 1.09 3.80
CA LEU A 116 -13.83 0.22 3.89
C LEU A 116 -13.64 -0.30 5.32
N GLU A 117 -13.08 -1.49 5.45
CA GLU A 117 -12.71 -1.97 6.77
C GLU A 117 -11.76 -0.95 7.40
N LEU A 118 -11.92 -0.72 8.69
CA LEU A 118 -11.08 0.25 9.38
C LEU A 118 -9.72 -0.37 9.69
N MET A 119 -8.66 0.37 9.35
CA MET A 119 -7.30 -0.05 9.65
C MET A 119 -6.73 0.94 10.66
N GLU A 120 -6.88 0.62 11.93
CA GLU A 120 -6.68 1.62 12.97
C GLU A 120 -5.23 2.07 13.10
N GLY A 121 -4.32 1.38 12.43
CA GLY A 121 -2.94 1.82 12.40
C GLY A 121 -2.70 2.94 11.41
N GLY A 122 -3.71 3.31 10.64
CA GLY A 122 -3.54 4.34 9.63
C GLY A 122 -2.65 3.87 8.49
N ASP A 123 -2.10 4.80 7.72
CA ASP A 123 -1.27 4.43 6.59
C ASP A 123 0.10 3.93 7.07
N LEU A 124 0.66 2.97 6.34
CA LEU A 124 1.94 2.37 6.69
C LEU A 124 3.00 3.43 7.00
N LEU A 125 3.11 4.45 6.16
CA LEU A 125 4.17 5.44 6.30
C LEU A 125 4.12 6.11 7.69
N THR A 126 2.92 6.50 8.09
CA THR A 126 2.71 7.15 9.38
C THR A 126 2.99 6.17 10.50
N TYR A 127 2.54 4.93 10.29
CA TYR A 127 2.68 3.90 11.29
C TYR A 127 4.16 3.59 11.52
N LEU A 128 4.94 3.67 10.44
CA LEU A 128 6.39 3.45 10.50
C LEU A 128 7.09 4.58 11.24
N ARG A 129 6.68 5.82 10.98
CA ARG A 129 7.38 6.99 11.51
C ARG A 129 7.11 7.20 12.99
N LYS A 130 5.91 6.86 13.42
CA LYS A 130 5.57 6.85 14.84
C LYS A 130 6.39 5.80 15.55
N ALA A 131 6.71 4.71 14.85
CA ALA A 131 7.44 3.63 15.47
C ALA A 131 8.86 4.09 15.76
N ARG A 132 9.43 4.87 14.84
CA ARG A 132 10.80 5.32 15.00
C ARG A 132 10.92 6.51 15.95
N MET A 133 9.89 7.35 16.01
CA MET A 133 9.99 8.60 16.73
C MET A 133 9.41 8.55 18.15
N ALA A 134 8.91 7.39 18.56
CA ALA A 134 8.23 7.26 19.85
C ALA A 134 9.20 7.23 21.06
N THR A 135 10.39 6.66 20.88
CA THR A 135 11.43 6.73 21.91
C THR A 135 12.81 6.34 21.40
N PHE A 136 13.79 7.19 21.65
CA PHE A 136 15.14 6.92 21.17
C PHE A 136 15.82 5.84 22.01
N TYR A 137 15.05 5.21 22.90
CA TYR A 137 15.46 3.92 23.45
C TYR A 137 15.41 2.88 22.34
N GLY A 138 14.69 3.19 21.27
CA GLY A 138 14.65 2.30 20.11
C GLY A 138 13.30 2.30 19.41
N PRO A 139 13.28 1.91 18.14
CA PRO A 139 12.03 1.79 17.36
C PRO A 139 11.06 0.82 18.03
N LEU A 140 9.76 1.05 17.85
CA LEU A 140 8.74 0.15 18.36
C LEU A 140 8.43 -0.99 17.38
N LEU A 141 9.18 -1.02 16.28
CA LEU A 141 9.06 -2.10 15.31
C LEU A 141 10.47 -2.70 15.17
N THR A 142 10.57 -4.02 15.25
CA THR A 142 11.88 -4.69 15.14
C THR A 142 12.07 -5.24 13.74
N LEU A 143 13.25 -5.78 13.48
CA LEU A 143 13.55 -6.32 12.16
C LEU A 143 12.54 -7.37 11.73
N VAL A 144 12.12 -8.22 12.65
CA VAL A 144 11.17 -9.29 12.32
C VAL A 144 9.78 -8.71 12.05
N ASP A 145 9.40 -7.70 12.81
CA ASP A 145 8.19 -6.94 12.54
C ASP A 145 8.21 -6.39 11.10
N LEU A 146 9.34 -5.81 10.72
CA LEU A 146 9.45 -5.13 9.43
C LEU A 146 9.45 -6.14 8.28
N VAL A 147 10.17 -7.25 8.47
CA VAL A 147 10.14 -8.35 7.52
C VAL A 147 8.74 -8.92 7.32
N ASP A 148 7.95 -9.03 8.39
CA ASP A 148 6.55 -9.45 8.27
C ASP A 148 5.70 -8.46 7.45
N LEU A 149 5.99 -7.16 7.58
CA LEU A 149 5.30 -6.14 6.78
C LEU A 149 5.61 -6.38 5.31
N CYS A 150 6.90 -6.58 5.01
CA CYS A 150 7.32 -6.80 3.63
C CYS A 150 6.67 -8.07 3.07
N VAL A 151 6.63 -9.13 3.90
CA VAL A 151 6.03 -10.38 3.46
C VAL A 151 4.56 -10.18 3.12
N ASP A 152 3.85 -9.46 3.99
CA ASP A 152 2.45 -9.10 3.77
C ASP A 152 2.18 -8.41 2.44
N ILE A 153 2.89 -7.30 2.19
CA ILE A 153 2.64 -6.54 0.96
C ILE A 153 3.03 -7.34 -0.27
N SER A 154 4.06 -8.18 -0.17
CA SER A 154 4.53 -8.90 -1.33
C SER A 154 3.51 -9.96 -1.73
N LYS A 155 2.80 -10.52 -0.75
CA LYS A 155 1.74 -11.46 -1.05
C LYS A 155 0.64 -10.74 -1.81
N GLY A 156 0.34 -9.52 -1.37
CA GLY A 156 -0.66 -8.74 -2.07
C GLY A 156 -0.28 -8.48 -3.50
N CYS A 157 1.02 -8.31 -3.75
CA CYS A 157 1.53 -8.07 -5.09
C CYS A 157 1.49 -9.32 -5.97
N VAL A 158 1.88 -10.45 -5.41
CA VAL A 158 1.68 -11.73 -6.05
C VAL A 158 0.25 -11.79 -6.55
N TYR A 159 -0.69 -11.46 -5.67
CA TYR A 159 -2.11 -11.58 -5.99
C TYR A 159 -2.54 -10.67 -7.15
N LEU A 160 -2.20 -9.38 -7.06
CA LEU A 160 -2.51 -8.43 -8.13
C LEU A 160 -2.00 -8.92 -9.48
N GLU A 161 -0.77 -9.44 -9.49
CA GLU A 161 -0.17 -9.94 -10.72
C GLU A 161 -0.98 -11.10 -11.29
N ARG A 162 -1.38 -12.02 -10.42
CA ARG A 162 -2.18 -13.16 -10.80
C ARG A 162 -3.53 -12.70 -11.35
N MET A 163 -4.01 -11.55 -10.89
CA MET A 163 -5.26 -10.98 -11.38
C MET A 163 -5.05 -10.09 -12.61
N HIS A 164 -3.83 -10.06 -13.12
CA HIS A 164 -3.48 -9.26 -14.29
C HIS A 164 -3.65 -7.76 -14.04
N PHE A 165 -3.33 -7.34 -12.83
CA PHE A 165 -3.38 -5.92 -12.51
C PHE A 165 -2.03 -5.33 -12.17
N ILE A 166 -1.83 -4.09 -12.59
CA ILE A 166 -0.64 -3.33 -12.25
C ILE A 166 -1.10 -2.19 -11.34
N HIS A 167 -0.42 -1.99 -10.22
CA HIS A 167 -0.90 -1.04 -9.23
C HIS A 167 -0.44 0.37 -9.58
N ARG A 168 0.83 0.48 -9.97
CA ARG A 168 1.40 1.71 -10.50
C ARG A 168 1.67 2.81 -9.48
N ASP A 169 1.37 2.55 -8.21
CA ASP A 169 1.69 3.54 -7.17
C ASP A 169 2.01 2.88 -5.83
N LEU A 170 2.73 1.76 -5.88
CA LEU A 170 3.15 1.07 -4.66
C LEU A 170 4.02 1.99 -3.81
N ALA A 171 3.55 2.31 -2.60
CA ALA A 171 4.32 3.13 -1.67
C ALA A 171 3.67 3.01 -0.30
N ALA A 172 4.42 3.28 0.77
CA ALA A 172 3.92 3.04 2.12
C ALA A 172 2.69 3.92 2.42
N ARG A 173 2.67 5.13 1.86
CA ARG A 173 1.52 6.02 2.03
C ARG A 173 0.24 5.35 1.50
N ASN A 174 0.41 4.35 0.64
CA ASN A 174 -0.75 3.70 0.03
C ASN A 174 -1.10 2.33 0.63
N CYS A 175 -0.40 1.94 1.69
CA CYS A 175 -0.76 0.75 2.46
C CYS A 175 -1.33 1.12 3.82
N LEU A 176 -1.94 0.14 4.49
CA LEU A 176 -2.61 0.39 5.77
C LEU A 176 -2.31 -0.70 6.79
N VAL A 177 -2.22 -0.31 8.06
CA VAL A 177 -1.96 -1.23 9.16
C VAL A 177 -3.20 -1.44 10.03
N SER A 178 -3.48 -2.68 10.39
CA SER A 178 -4.73 -3.06 11.06
C SER A 178 -4.84 -2.62 12.52
N VAL A 179 -3.72 -2.37 13.17
CA VAL A 179 -3.75 -1.92 14.55
C VAL A 179 -2.92 -0.67 14.80
N LYS A 180 -3.30 0.08 15.82
CA LYS A 180 -2.66 1.35 16.15
C LYS A 180 -1.46 1.12 17.06
N ASP A 181 -1.56 0.10 17.92
CA ASP A 181 -0.49 -0.21 18.87
C ASP A 181 0.60 -1.02 18.19
N TYR A 182 1.71 -1.19 18.89
CA TYR A 182 2.84 -1.92 18.35
C TYR A 182 3.10 -3.24 19.05
N THR A 183 2.05 -3.81 19.64
CA THR A 183 2.20 -5.08 20.34
C THR A 183 1.25 -6.17 19.82
N SER A 184 0.04 -5.80 19.46
CA SER A 184 -0.93 -6.79 19.02
C SER A 184 -0.53 -7.32 17.64
N PRO A 185 -0.98 -8.54 17.29
CA PRO A 185 -0.67 -9.04 15.95
C PRO A 185 -1.18 -8.02 14.94
N ARG A 186 -0.41 -7.78 13.88
CA ARG A 186 -0.76 -6.75 12.90
C ARG A 186 -0.73 -7.30 11.49
N ILE A 187 -1.52 -6.70 10.61
CA ILE A 187 -1.38 -6.96 9.19
C ILE A 187 -1.46 -5.68 8.36
N VAL A 188 -0.60 -5.56 7.35
CA VAL A 188 -0.71 -4.49 6.37
C VAL A 188 -1.34 -4.97 5.07
N LYS A 189 -2.10 -4.07 4.44
CA LYS A 189 -2.77 -4.34 3.19
C LYS A 189 -2.51 -3.20 2.22
N ILE A 190 -2.51 -3.51 0.92
CA ILE A 190 -2.52 -2.49 -0.11
C ILE A 190 -3.92 -1.90 -0.14
N GLY A 191 -4.02 -0.58 -0.17
CA GLY A 191 -5.29 0.04 0.11
C GLY A 191 -5.69 1.25 -0.70
N ASP A 192 -4.97 1.56 -1.78
CA ASP A 192 -5.37 2.67 -2.64
C ASP A 192 -5.09 2.41 -4.11
N PHE A 193 -6.13 2.02 -4.84
CA PHE A 193 -5.97 1.51 -6.20
C PHE A 193 -6.39 2.53 -7.23
N GLY A 194 -6.24 3.80 -6.90
CA GLY A 194 -6.64 4.86 -7.82
C GLY A 194 -5.94 4.82 -9.17
N LEU A 195 -4.78 4.17 -9.23
CA LEU A 195 -4.00 4.14 -10.45
C LEU A 195 -3.84 2.74 -11.04
N ALA A 196 -4.53 1.77 -10.47
CA ALA A 196 -4.33 0.38 -10.89
C ALA A 196 -4.94 0.13 -12.26
N ARG A 197 -4.26 -0.71 -13.06
CA ARG A 197 -4.67 -0.95 -14.43
C ARG A 197 -4.72 -2.44 -14.73
N ASP A 198 -5.77 -2.87 -15.43
CA ASP A 198 -5.88 -4.24 -15.93
C ASP A 198 -4.97 -4.39 -17.15
N ILE A 199 -4.21 -5.47 -17.19
CA ILE A 199 -3.31 -5.74 -18.32
C ILE A 199 -3.34 -7.19 -18.79
N TYR A 200 -4.56 -7.71 -18.99
CA TYR A 200 -4.74 -9.13 -19.33
C TYR A 200 -4.08 -9.50 -20.65
N LYS A 201 -3.88 -8.51 -21.52
CA LYS A 201 -3.25 -8.74 -22.81
C LYS A 201 -1.95 -9.53 -22.65
N GLU A 210 -2.02 12.32 -18.12
CA GLU A 210 -1.04 13.41 -18.09
C GLU A 210 -0.80 13.89 -16.65
N GLY A 211 -1.05 13.02 -15.69
CA GLY A 211 -0.87 13.37 -14.29
C GLY A 211 0.45 12.84 -13.72
N LEU A 212 0.34 12.12 -12.60
CA LEU A 212 1.51 11.58 -11.88
C LEU A 212 2.21 12.62 -11.01
N LEU A 213 3.27 12.17 -10.31
CA LEU A 213 3.84 12.94 -9.22
C LEU A 213 5.01 12.22 -8.54
N PRO A 214 4.79 10.98 -8.07
CA PRO A 214 5.72 10.31 -7.15
C PRO A 214 6.98 9.86 -7.85
N VAL A 215 7.86 10.81 -8.14
CA VAL A 215 9.05 10.54 -8.95
C VAL A 215 10.00 9.59 -8.23
N ARG A 216 9.99 9.64 -6.91
CA ARG A 216 10.91 8.84 -6.10
C ARG A 216 10.58 7.34 -6.12
N TRP A 217 9.37 7.00 -6.53
CA TRP A 217 8.96 5.59 -6.62
C TRP A 217 8.92 5.01 -8.03
N MET A 218 9.16 5.86 -9.03
CA MET A 218 8.94 5.43 -10.41
C MET A 218 10.19 4.83 -11.07
N ALA A 219 9.96 3.74 -11.80
CA ALA A 219 11.02 3.12 -12.58
C ALA A 219 11.50 4.10 -13.66
N PRO A 220 12.75 3.96 -14.09
CA PRO A 220 13.29 4.82 -15.15
C PRO A 220 12.51 4.75 -16.46
N GLU A 221 12.04 3.57 -16.85
CA GLU A 221 11.23 3.46 -18.06
C GLU A 221 9.98 4.31 -17.91
N SER A 222 9.40 4.31 -16.71
CA SER A 222 8.14 4.99 -16.47
C SER A 222 8.30 6.50 -16.58
N LEU A 223 9.36 7.02 -15.97
CA LEU A 223 9.67 8.43 -16.04
C LEU A 223 10.06 8.87 -17.46
N MET A 224 10.86 8.05 -18.15
CA MET A 224 11.35 8.44 -19.46
C MET A 224 10.30 8.22 -20.54
N ASP A 225 9.68 7.04 -20.55
CA ASP A 225 8.84 6.60 -21.67
C ASP A 225 7.35 6.48 -21.33
N GLY A 226 7.00 6.74 -20.07
CA GLY A 226 5.60 6.61 -19.67
C GLY A 226 5.13 5.16 -19.65
N ILE A 227 6.08 4.24 -19.62
CA ILE A 227 5.78 2.81 -19.64
C ILE A 227 5.52 2.27 -18.24
N PHE A 228 4.50 1.43 -18.09
CA PHE A 228 4.22 0.81 -16.80
C PHE A 228 3.92 -0.68 -16.99
N THR A 229 4.57 -1.49 -16.17
CA THR A 229 4.41 -2.94 -16.23
C THR A 229 4.48 -3.50 -14.81
N THR A 230 4.34 -4.80 -14.69
CA THR A 230 4.54 -5.47 -13.42
C THR A 230 5.98 -5.29 -12.95
N GLN A 231 6.90 -5.10 -13.90
CA GLN A 231 8.32 -4.92 -13.59
C GLN A 231 8.64 -3.51 -13.10
N SER A 232 7.81 -2.55 -13.46
CA SER A 232 7.95 -1.23 -12.85
C SER A 232 7.30 -1.25 -11.46
N ASP A 233 6.30 -2.11 -11.27
CA ASP A 233 5.71 -2.32 -9.96
C ASP A 233 6.75 -2.91 -9.01
N VAL A 234 7.59 -3.80 -9.56
CA VAL A 234 8.69 -4.41 -8.81
C VAL A 234 9.74 -3.38 -8.40
N TRP A 235 9.98 -2.40 -9.26
CA TRP A 235 10.91 -1.33 -8.94
C TRP A 235 10.37 -0.60 -7.71
N SER A 236 9.09 -0.25 -7.75
CA SER A 236 8.44 0.52 -6.69
C SER A 236 8.32 -0.25 -5.37
N PHE A 237 8.13 -1.57 -5.45
CA PHE A 237 8.09 -2.40 -4.25
C PHE A 237 9.45 -2.41 -3.58
N GLY A 238 10.49 -2.43 -4.41
CA GLY A 238 11.83 -2.22 -3.89
C GLY A 238 11.91 -0.96 -3.05
N ILE A 239 11.33 0.14 -3.55
CA ILE A 239 11.33 1.40 -2.82
C ILE A 239 10.45 1.29 -1.56
N LEU A 240 9.37 0.54 -1.69
CA LEU A 240 8.45 0.35 -0.57
C LEU A 240 9.18 -0.33 0.57
N ILE A 241 9.85 -1.43 0.27
CA ILE A 241 10.50 -2.17 1.33
C ILE A 241 11.67 -1.37 1.89
N TRP A 242 12.24 -0.48 1.07
CA TRP A 242 13.23 0.47 1.58
C TRP A 242 12.57 1.39 2.59
N GLU A 243 11.35 1.81 2.30
CA GLU A 243 10.60 2.69 3.21
C GLU A 243 10.33 1.98 4.53
N ILE A 244 9.99 0.70 4.44
CA ILE A 244 9.73 -0.10 5.61
C ILE A 244 11.00 -0.23 6.43
N LEU A 245 12.10 -0.62 5.78
CA LEU A 245 13.35 -0.84 6.51
C LEU A 245 13.96 0.44 7.09
N THR A 246 13.64 1.62 6.55
CA THR A 246 14.10 2.86 7.18
C THR A 246 13.06 3.46 8.12
N LEU A 247 11.97 2.74 8.35
CA LEU A 247 10.87 3.28 9.14
C LEU A 247 10.44 4.65 8.59
N GLY A 248 10.20 4.69 7.28
CA GLY A 248 9.46 5.80 6.71
C GLY A 248 10.30 7.01 6.38
N HIS A 249 11.54 6.78 5.96
CA HIS A 249 12.38 7.87 5.49
C HIS A 249 12.01 8.19 4.05
N GLN A 250 12.27 9.41 3.63
CA GLN A 250 12.04 9.81 2.25
C GLN A 250 13.15 9.28 1.34
N PRO A 251 12.77 8.60 0.25
CA PRO A 251 13.80 8.18 -0.71
C PRO A 251 14.56 9.37 -1.28
N TYR A 252 15.84 9.14 -1.61
CA TYR A 252 16.73 10.17 -2.14
C TYR A 252 16.63 11.48 -1.38
N PRO A 253 17.01 11.49 -0.09
CA PRO A 253 16.85 12.64 0.78
C PRO A 253 17.69 13.85 0.36
N ALA A 254 18.79 13.60 -0.34
CA ALA A 254 19.69 14.68 -0.75
C ALA A 254 19.35 15.21 -2.13
N HIS A 255 18.30 14.66 -2.75
CA HIS A 255 17.92 15.06 -4.09
C HIS A 255 16.54 15.68 -4.17
N SER A 256 16.47 16.83 -4.84
CA SER A 256 15.18 17.45 -5.10
C SER A 256 14.47 16.56 -6.12
N ASN A 257 13.16 16.71 -6.23
CA ASN A 257 12.39 15.91 -7.18
C ASN A 257 13.01 15.97 -8.57
N LEU A 258 13.45 17.16 -8.96
CA LEU A 258 14.05 17.36 -10.28
C LEU A 258 15.33 16.56 -10.44
N ASP A 259 16.22 16.63 -9.45
CA ASP A 259 17.49 15.94 -9.58
C ASP A 259 17.33 14.43 -9.56
N VAL A 260 16.23 13.95 -8.99
CA VAL A 260 16.03 12.51 -8.82
C VAL A 260 16.17 11.74 -10.13
N LEU A 261 15.45 12.17 -11.16
CA LEU A 261 15.51 11.48 -12.45
C LEU A 261 16.90 11.54 -13.06
N ASN A 262 17.62 12.64 -12.89
CA ASN A 262 19.03 12.69 -13.26
C ASN A 262 19.76 11.57 -12.52
N TYR A 263 19.71 11.64 -11.20
CA TYR A 263 20.36 10.67 -10.33
C TYR A 263 20.03 9.25 -10.77
N VAL A 264 18.75 8.90 -10.79
CA VAL A 264 18.34 7.57 -11.17
C VAL A 264 18.76 7.23 -12.59
N GLN A 265 18.41 8.09 -13.54
CA GLN A 265 18.69 7.82 -14.95
C GLN A 265 20.17 7.49 -15.15
N THR A 266 21.03 8.14 -14.37
CA THR A 266 22.45 7.80 -14.31
C THR A 266 22.68 6.31 -14.03
N GLY A 267 22.17 5.87 -12.88
CA GLY A 267 22.54 4.57 -12.35
C GLY A 267 22.67 4.69 -10.85
N GLY A 268 22.29 5.85 -10.35
CA GLY A 268 22.30 6.08 -8.91
C GLY A 268 21.13 5.37 -8.26
N ARG A 269 21.35 4.91 -7.03
CA ARG A 269 20.35 4.15 -6.28
C ARG A 269 20.32 4.66 -4.85
N LEU A 270 19.31 4.28 -4.09
CA LEU A 270 19.23 4.65 -2.68
C LEU A 270 20.44 4.10 -1.91
N GLU A 271 20.74 4.72 -0.78
CA GLU A 271 21.71 4.17 0.16
C GLU A 271 21.05 3.03 0.94
N PRO A 272 21.83 2.03 1.35
CA PRO A 272 21.25 0.98 2.18
C PRO A 272 20.89 1.48 3.57
N PRO A 273 19.73 1.06 4.10
CA PRO A 273 19.30 1.46 5.44
C PRO A 273 20.38 1.10 6.46
N ARG A 274 20.50 1.89 7.52
CA ARG A 274 21.42 1.54 8.60
C ARG A 274 21.23 0.07 8.97
N ASN A 275 22.34 -0.65 9.09
CA ASN A 275 22.34 -2.04 9.55
C ASN A 275 21.28 -2.92 8.88
N CYS A 276 21.03 -2.69 7.60
CA CYS A 276 20.07 -3.51 6.86
C CYS A 276 20.69 -4.86 6.49
N PRO A 277 19.96 -5.97 6.70
CA PRO A 277 20.53 -7.29 6.44
C PRO A 277 20.94 -7.41 4.98
N ASP A 278 22.09 -8.03 4.76
CA ASP A 278 22.64 -8.13 3.43
C ASP A 278 21.65 -8.80 2.48
N ASP A 279 20.98 -9.85 2.95
CA ASP A 279 19.98 -10.55 2.12
C ASP A 279 18.90 -9.61 1.59
N LEU A 280 18.45 -8.69 2.43
CA LEU A 280 17.38 -7.77 2.05
C LEU A 280 17.91 -6.66 1.13
N TRP A 281 19.18 -6.29 1.30
CA TRP A 281 19.80 -5.34 0.38
C TRP A 281 19.97 -5.91 -1.03
N ASN A 282 20.31 -7.19 -1.12
CA ASN A 282 20.49 -7.81 -2.43
C ASN A 282 19.17 -7.90 -3.15
N LEU A 283 18.11 -8.21 -2.41
CA LEU A 283 16.76 -8.25 -2.98
C LEU A 283 16.38 -6.88 -3.54
N MET A 284 16.42 -5.87 -2.68
CA MET A 284 16.08 -4.50 -3.06
C MET A 284 16.86 -4.10 -4.29
N THR A 285 18.17 -4.29 -4.21
CA THR A 285 19.07 -3.92 -5.30
C THR A 285 18.61 -4.50 -6.62
N GLN A 286 18.22 -5.77 -6.62
CA GLN A 286 17.78 -6.44 -7.84
C GLN A 286 16.44 -5.90 -8.36
N CYS A 287 15.60 -5.42 -7.45
CA CYS A 287 14.33 -4.78 -7.81
C CYS A 287 14.58 -3.51 -8.62
N TRP A 288 15.73 -2.89 -8.39
CA TRP A 288 16.10 -1.70 -9.13
C TRP A 288 17.13 -2.02 -10.23
N ALA A 289 17.03 -3.20 -10.83
CA ALA A 289 17.81 -3.46 -12.04
C ALA A 289 17.40 -2.46 -13.11
N GLN A 290 18.39 -1.84 -13.74
CA GLN A 290 18.13 -0.86 -14.78
C GLN A 290 17.26 -1.51 -15.85
N GLU A 291 17.57 -2.75 -16.18
CA GLU A 291 16.85 -3.47 -17.21
C GLU A 291 15.68 -4.23 -16.59
N PRO A 292 14.44 -3.85 -16.99
CA PRO A 292 13.18 -4.38 -16.44
C PRO A 292 13.09 -5.90 -16.36
N ASP A 293 13.67 -6.60 -17.33
CA ASP A 293 13.61 -8.05 -17.32
C ASP A 293 14.70 -8.67 -16.46
N GLN A 294 15.56 -7.84 -15.88
CA GLN A 294 16.55 -8.31 -14.92
C GLN A 294 16.08 -8.21 -13.47
N ARG A 295 14.86 -7.73 -13.28
CA ARG A 295 14.27 -7.64 -11.95
C ARG A 295 13.64 -8.99 -11.57
N PRO A 296 13.62 -9.30 -10.27
CA PRO A 296 12.93 -10.52 -9.84
C PRO A 296 11.43 -10.47 -10.09
N THR A 297 10.77 -11.62 -10.04
CA THR A 297 9.32 -11.66 -10.12
C THR A 297 8.77 -11.50 -8.70
N PHE A 298 7.47 -11.26 -8.59
CA PHE A 298 6.86 -11.16 -7.27
C PHE A 298 6.90 -12.49 -6.50
N HIS A 299 6.75 -13.61 -7.19
CA HIS A 299 6.82 -14.91 -6.53
C HIS A 299 8.20 -15.10 -5.93
N ARG A 300 9.24 -14.80 -6.70
CA ARG A 300 10.60 -14.93 -6.18
C ARG A 300 10.84 -13.97 -5.03
N ILE A 301 10.33 -12.74 -5.17
CA ILE A 301 10.44 -11.77 -4.09
C ILE A 301 9.78 -12.26 -2.81
N GLN A 302 8.63 -12.93 -2.93
CA GLN A 302 7.99 -13.45 -1.73
C GLN A 302 8.77 -14.64 -1.18
N ASP A 303 9.27 -15.49 -2.08
CA ASP A 303 10.14 -16.58 -1.68
C ASP A 303 11.34 -16.05 -0.90
N GLN A 304 12.07 -15.10 -1.49
CA GLN A 304 13.25 -14.54 -0.85
C GLN A 304 12.94 -13.99 0.54
N LEU A 305 11.81 -13.30 0.65
CA LEU A 305 11.39 -12.75 1.94
C LEU A 305 11.07 -13.83 2.97
N GLN A 306 10.32 -14.85 2.57
CA GLN A 306 10.03 -15.96 3.47
C GLN A 306 11.27 -16.76 3.81
N LEU A 307 12.13 -16.95 2.82
CA LEU A 307 13.38 -17.66 3.04
C LEU A 307 14.26 -16.94 4.06
N PHE A 308 14.36 -15.62 3.92
CA PHE A 308 15.18 -14.86 4.84
C PHE A 308 14.59 -14.91 6.24
N ARG A 309 13.26 -14.89 6.34
CA ARG A 309 12.62 -14.84 7.64
C ARG A 309 12.94 -16.10 8.44
N ASN A 310 12.77 -17.24 7.78
CA ASN A 310 13.05 -18.52 8.41
C ASN A 310 14.53 -18.62 8.79
N PHE A 311 15.41 -18.23 7.87
CA PHE A 311 16.83 -18.26 8.16
C PHE A 311 17.12 -17.48 9.43
N PHE A 312 16.53 -16.30 9.54
CA PHE A 312 16.82 -15.40 10.64
C PHE A 312 16.21 -15.87 11.96
N LEU A 313 14.99 -16.41 11.90
CA LEU A 313 14.37 -17.01 13.07
C LEU A 313 15.19 -18.18 13.58
N ASN A 314 15.48 -19.13 12.71
CA ASN A 314 16.37 -20.24 13.04
C ASN A 314 17.67 -19.73 13.66
N SER A 315 18.19 -18.64 13.08
CA SER A 315 19.47 -18.07 13.48
C SER A 315 19.52 -17.66 14.95
N ILE A 316 18.43 -17.06 15.44
CA ILE A 316 18.44 -16.50 16.78
C ILE A 316 18.29 -17.60 17.83
N TYR A 317 17.52 -18.63 17.50
CA TYR A 317 17.22 -19.67 18.48
C TYR A 317 18.44 -20.53 18.79
N LYS A 318 19.21 -20.85 17.75
CA LYS A 318 20.37 -21.71 17.93
C LYS A 318 21.50 -20.96 18.65
N SER A 319 21.33 -19.66 18.82
CA SER A 319 22.36 -18.82 19.45
C SER A 319 22.86 -19.40 20.77
N ARG A 320 22.01 -19.73 21.63
C23 5P8 B . -7.59 5.30 10.93
C12 5P8 B . -4.65 6.38 3.36
C13 5P8 B . -4.19 5.28 2.58
C6 5P8 B . -7.92 5.06 6.41
C15 5P8 B . -6.47 4.42 2.42
C4 5P8 B . -7.90 3.42 8.18
C19 5P8 B . -6.82 5.98 9.95
C5 5P8 B . -7.53 4.73 7.72
C18 5P8 B . -6.77 5.76 8.56
C11 5P8 B . -6.04 6.53 3.67
C10 5P8 B . -6.99 5.52 3.20
C1 5P8 B . -8.63 4.14 5.56
C14 5P8 B . -5.09 4.29 2.11
C22 5P8 B . -5.79 6.78 8.10
C2 5P8 B . -8.93 2.87 6.13
C27 5P8 B . -6.46 7.73 4.48
C28 5P8 B . -5.27 7.06 6.67
C8 5P8 B . -8.52 5.58 3.47
C9 5P8 B . -9.27 5.56 2.12
C25 5P8 B . -5.64 7.61 11.49
C29 5P8 B . -6.59 9.18 6.49
N24 5P8 B . -8.19 4.72 11.74
N3 5P8 B . -8.57 2.52 7.41
N21 5P8 B . -5.36 7.45 9.10
N20 5P8 B . -5.91 7.04 10.18
N26 5P8 B . -6.11 7.96 5.82
N17 5P8 B . -9.63 1.92 5.37
O30 5P8 B . -7.17 8.56 3.87
O7 5P8 B . -9.04 4.42 4.25
F16 5P8 B . -4.65 3.27 1.37
#